data_8T8N
#
_entry.id   8T8N
#
_cell.length_a   60.762
_cell.length_b   63.582
_cell.length_c   86.283
_cell.angle_alpha   90.000
_cell.angle_beta   90.000
_cell.angle_gamma   90.000
#
_symmetry.space_group_name_H-M   'P 21 21 21'
#
loop_
_entity.id
_entity.type
_entity.pdbx_description
1 polymer 'Protease nsP2'
2 non-polymer [PROPYLAMINO-3-HYDROXY-BUTAN-1,4-DIONYL]-ISOLEUCYL-PROLINE
3 water water
#
_entity_poly.entity_id   1
_entity_poly.type   'polypeptide(L)'
_entity_poly.pdbx_seq_one_letter_code
;GSMRHILERPDPTDVFQNKANVCWAKALVPVLKTAGIDMTTEQWNTVDYFETDKAHSAEIVLNQLCVRFFGLDLDSGLFS
APTVPLSIRNNHWDNSPSPNMYGLNKEVVRQLSRRYPQLPRAVATGRVYDMNTGTLRNYDPRINLVPVNRRLPHALVLHH
NEHPQSDFSSFVSKLKGRTVLVVGEKLSVPGKMVDWLSDRPEATFRARLDLGIPGDVPKYDIIFVNVRTPYKYHHYQQCE
DHAIKLSMLTKKACLHLNPGGTCVSIGYGYADRASESIIGAIARQFKFSRVCKPKSSLEETEVLFVFIGYDRKARTHNPY
KLSSTLTNIYTGSRLHEA
;
_entity_poly.pdbx_strand_id   A
#
# COMPACT_ATOMS: atom_id res chain seq x y z
N ASP A 14 3.87 24.70 8.98
CA ASP A 14 4.05 25.70 7.87
C ASP A 14 3.98 24.96 6.54
N VAL A 15 4.75 23.88 6.38
CA VAL A 15 4.60 23.00 5.17
C VAL A 15 3.28 22.25 5.30
N PHE A 16 2.75 22.14 6.53
CA PHE A 16 1.53 21.37 6.88
C PHE A 16 0.30 22.30 6.97
N GLN A 17 0.41 23.52 6.42
CA GLN A 17 -0.70 24.52 6.37
C GLN A 17 -1.93 23.91 5.69
N ASN A 18 -3.10 23.99 6.33
CA ASN A 18 -4.42 23.60 5.77
C ASN A 18 -4.53 22.07 5.63
N LYS A 19 -3.85 21.33 6.50
CA LYS A 19 -3.91 19.85 6.52
C LYS A 19 -4.34 19.40 7.92
N ALA A 20 -5.36 18.54 7.97
CA ALA A 20 -5.97 18.04 9.22
C ALA A 20 -5.47 16.64 9.56
N ASN A 21 -4.86 15.90 8.62
CA ASN A 21 -4.68 14.45 8.79
C ASN A 21 -3.25 13.99 8.47
N VAL A 22 -2.27 14.90 8.37
CA VAL A 22 -0.90 14.57 7.85
C VAL A 22 0.13 14.52 8.99
N CYS A 23 -0.24 13.95 10.14
CA CYS A 23 0.66 13.82 11.30
C CYS A 23 1.77 12.80 11.01
N TRP A 24 1.49 11.84 10.15
CA TRP A 24 2.48 10.85 9.68
C TRP A 24 3.66 11.58 9.02
N ALA A 25 3.37 12.61 8.22
CA ALA A 25 4.42 13.40 7.54
C ALA A 25 5.17 14.23 8.56
N LYS A 26 4.44 14.86 9.49
CA LYS A 26 5.03 15.66 10.59
C LYS A 26 5.96 14.77 11.42
N ALA A 27 5.52 13.58 11.79
CA ALA A 27 6.33 12.63 12.58
C ALA A 27 7.56 12.18 11.78
N LEU A 28 7.47 12.16 10.45
CA LEU A 28 8.60 11.73 9.58
C LEU A 28 9.70 12.79 9.52
N VAL A 29 9.41 14.06 9.83
CA VAL A 29 10.39 15.17 9.63
C VAL A 29 11.73 14.80 10.27
N PRO A 30 11.79 14.42 11.58
CA PRO A 30 13.09 14.13 12.22
C PRO A 30 13.76 12.86 11.69
N VAL A 31 12.98 11.88 11.26
CA VAL A 31 13.54 10.63 10.67
C VAL A 31 14.27 11.01 9.38
N LEU A 32 13.59 11.78 8.53
CA LEU A 32 14.09 12.17 7.19
C LEU A 32 15.32 13.07 7.33
N LYS A 33 15.38 13.85 8.41
CA LYS A 33 16.49 14.82 8.66
C LYS A 33 17.80 14.07 8.97
N THR A 34 17.75 12.82 9.42
CA THR A 34 18.97 12.00 9.64
C THR A 34 19.65 11.75 8.29
N ALA A 35 18.89 11.75 7.20
CA ALA A 35 19.41 11.60 5.81
C ALA A 35 19.44 12.95 5.09
N GLY A 36 19.49 14.05 5.85
CA GLY A 36 19.66 15.41 5.32
C GLY A 36 18.43 15.95 4.61
N ILE A 37 17.31 15.25 4.66
CA ILE A 37 16.10 15.57 3.83
C ILE A 37 15.29 16.67 4.51
N ASP A 38 14.83 17.61 3.69
CA ASP A 38 13.92 18.70 4.09
C ASP A 38 12.83 18.79 3.02
N MET A 39 11.63 18.27 3.31
CA MET A 39 10.53 18.25 2.33
C MET A 39 9.82 19.61 2.36
N THR A 40 9.72 20.25 1.19
CA THR A 40 8.85 21.44 0.96
C THR A 40 7.41 20.97 0.78
N THR A 41 6.45 21.89 0.93
CA THR A 41 5.01 21.61 0.74
C THR A 41 4.84 20.94 -0.63
N GLU A 42 5.43 21.55 -1.65
CA GLU A 42 5.32 21.12 -3.06
C GLU A 42 5.87 19.69 -3.22
N GLN A 43 6.94 19.37 -2.51
CA GLN A 43 7.55 18.01 -2.54
C GLN A 43 6.64 17.05 -1.76
N TRP A 44 6.13 17.47 -0.62
CA TRP A 44 5.13 16.67 0.14
C TRP A 44 3.93 16.35 -0.76
N ASN A 45 3.55 17.28 -1.64
CA ASN A 45 2.34 17.16 -2.49
C ASN A 45 2.50 16.02 -3.49
N THR A 46 3.71 15.49 -3.71
CA THR A 46 3.90 14.33 -4.63
C THR A 46 3.52 13.02 -3.94
N VAL A 47 3.32 13.04 -2.63
CA VAL A 47 2.65 11.90 -1.91
C VAL A 47 1.13 12.17 -1.98
N ASP A 48 0.40 11.21 -2.56
CA ASP A 48 -1.04 11.39 -2.89
C ASP A 48 -1.81 11.78 -1.63
N TYR A 49 -1.57 11.09 -0.53
CA TYR A 49 -2.37 11.20 0.71
C TYR A 49 -2.03 12.50 1.46
N PHE A 50 -0.89 13.11 1.15
CA PHE A 50 -0.60 14.47 1.65
C PHE A 50 -1.44 15.48 0.88
N GLU A 51 -1.49 15.32 -0.45
CA GLU A 51 -2.17 16.23 -1.40
C GLU A 51 -3.67 16.21 -1.09
N THR A 52 -4.24 15.03 -0.90
CA THR A 52 -5.67 14.81 -0.58
C THR A 52 -5.91 14.82 0.93
N ASP A 53 -4.86 14.97 1.74
CA ASP A 53 -4.98 15.12 3.22
C ASP A 53 -5.74 13.92 3.80
N LYS A 54 -5.15 12.73 3.69
CA LYS A 54 -5.72 11.50 4.27
C LYS A 54 -4.75 10.96 5.32
N ALA A 55 -5.28 10.16 6.23
CA ALA A 55 -4.48 9.46 7.26
C ALA A 55 -3.68 8.36 6.58
N HIS A 56 -2.51 8.05 7.12
CA HIS A 56 -1.53 7.17 6.46
C HIS A 56 -0.62 6.52 7.50
N SER A 57 0.10 5.50 7.07
CA SER A 57 1.24 4.91 7.80
C SER A 57 2.50 5.72 7.54
N ALA A 58 3.09 6.28 8.60
CA ALA A 58 4.44 6.89 8.53
C ALA A 58 5.43 5.88 7.97
N GLU A 59 5.27 4.59 8.29
CA GLU A 59 6.25 3.54 7.91
C GLU A 59 6.23 3.30 6.40
N ILE A 60 5.04 3.19 5.82
CA ILE A 60 4.91 2.98 4.34
C ILE A 60 5.46 4.21 3.63
N VAL A 61 5.15 5.41 4.13
CA VAL A 61 5.58 6.67 3.47
C VAL A 61 7.11 6.77 3.57
N LEU A 62 7.69 6.36 4.70
CA LEU A 62 9.16 6.35 4.86
C LEU A 62 9.77 5.47 3.75
N ASN A 63 9.18 4.29 3.52
CA ASN A 63 9.67 3.31 2.52
C ASN A 63 9.53 3.91 1.12
N GLN A 64 8.41 4.58 0.84
CA GLN A 64 8.18 5.26 -0.47
C GLN A 64 9.24 6.35 -0.68
N LEU A 65 9.46 7.19 0.33
CA LEU A 65 10.44 8.29 0.25
C LEU A 65 11.86 7.72 0.13
N CYS A 66 12.16 6.65 0.86
CA CYS A 66 13.50 6.01 0.82
C CYS A 66 13.82 5.57 -0.61
N VAL A 67 12.85 5.02 -1.32
CA VAL A 67 13.04 4.55 -2.71
C VAL A 67 13.21 5.78 -3.63
N ARG A 68 12.38 6.79 -3.46
CA ARG A 68 12.44 7.97 -4.36
C ARG A 68 13.77 8.70 -4.18
N PHE A 69 14.26 8.81 -2.95
CA PHE A 69 15.50 9.55 -2.67
C PHE A 69 16.70 8.71 -3.06
N PHE A 70 16.78 7.46 -2.57
CA PHE A 70 18.05 6.71 -2.57
C PHE A 70 17.96 5.43 -3.40
N GLY A 71 16.79 5.16 -3.99
CA GLY A 71 16.63 4.03 -4.92
C GLY A 71 16.62 2.71 -4.19
N LEU A 72 16.37 2.73 -2.88
CA LEU A 72 16.42 1.54 -2.02
C LEU A 72 15.22 1.56 -1.07
N ASP A 73 14.66 0.40 -0.78
CA ASP A 73 13.57 0.28 0.22
C ASP A 73 14.17 -0.09 1.57
N LEU A 74 13.33 -0.24 2.60
CA LEU A 74 13.80 -0.26 4.01
C LEU A 74 14.49 -1.59 4.33
N ASP A 75 14.30 -2.62 3.50
CA ASP A 75 15.00 -3.92 3.67
C ASP A 75 16.48 -3.74 3.28
N SER A 76 16.88 -2.61 2.71
CA SER A 76 18.32 -2.28 2.51
C SER A 76 19.01 -2.07 3.86
N GLY A 77 18.25 -1.76 4.92
CA GLY A 77 18.82 -1.41 6.24
C GLY A 77 19.15 0.08 6.35
N LEU A 78 18.87 0.88 5.32
CA LEU A 78 19.38 2.28 5.22
C LEU A 78 18.85 3.13 6.38
N PHE A 79 17.63 2.87 6.86
CA PHE A 79 16.99 3.63 7.97
C PHE A 79 16.81 2.74 9.20
N SER A 80 17.72 1.79 9.41
CA SER A 80 17.63 0.77 10.50
C SER A 80 18.35 1.24 11.77
N ALA A 81 18.91 2.45 11.80
CA ALA A 81 19.48 2.97 13.06
C ALA A 81 18.34 3.42 13.95
N PRO A 82 18.30 2.97 15.23
CA PRO A 82 17.24 3.37 16.15
C PRO A 82 17.42 4.78 16.72
N THR A 83 17.26 5.80 15.88
CA THR A 83 17.55 7.21 16.25
C THR A 83 16.28 7.93 16.71
N VAL A 84 15.18 7.78 15.96
CA VAL A 84 13.92 8.56 16.16
C VAL A 84 12.76 7.58 16.16
N PRO A 85 11.85 7.67 17.17
CA PRO A 85 10.68 6.81 17.18
C PRO A 85 9.59 7.26 16.19
N LEU A 86 8.89 6.28 15.59
CA LEU A 86 7.57 6.48 14.96
C LEU A 86 6.53 5.73 15.78
N SER A 87 5.68 6.44 16.49
CA SER A 87 4.73 5.87 17.49
C SER A 87 3.32 6.26 17.11
N ILE A 88 2.39 5.31 17.18
CA ILE A 88 0.97 5.59 16.87
C ILE A 88 0.17 5.36 18.16
N ARG A 89 -0.34 6.46 18.71
CA ARG A 89 -1.23 6.51 19.90
C ARG A 89 -2.53 7.18 19.50
N ASN A 90 -3.60 6.39 19.39
CA ASN A 90 -4.99 6.88 19.25
C ASN A 90 -5.19 7.41 17.83
N ASN A 91 -4.68 6.67 16.83
CA ASN A 91 -4.73 7.01 15.39
C ASN A 91 -3.83 8.20 15.06
N HIS A 92 -2.90 8.55 15.94
CA HIS A 92 -2.06 9.76 15.78
C HIS A 92 -0.60 9.33 15.82
N TRP A 93 0.11 9.55 14.71
CA TRP A 93 1.57 9.31 14.60
C TRP A 93 2.30 10.43 15.33
N ASP A 94 3.29 10.09 16.15
CA ASP A 94 4.23 11.09 16.74
C ASP A 94 5.59 10.45 16.97
N ASN A 95 6.49 11.17 17.67
CA ASN A 95 7.86 10.69 17.97
C ASN A 95 8.00 10.41 19.46
N SER A 96 6.92 9.97 20.13
CA SER A 96 6.97 9.64 21.57
C SER A 96 7.72 8.32 21.72
N PRO A 97 8.56 8.17 22.78
CA PRO A 97 9.31 6.94 22.98
C PRO A 97 8.51 5.66 22.77
N SER A 98 9.02 4.80 21.90
CA SER A 98 8.52 3.44 21.67
C SER A 98 9.65 2.64 21.08
N PRO A 99 9.62 1.28 21.19
CA PRO A 99 10.62 0.44 20.54
C PRO A 99 10.32 0.24 19.04
N ASN A 100 10.09 1.32 18.31
CA ASN A 100 9.84 1.34 16.84
C ASN A 100 10.58 2.56 16.28
N MET A 101 11.87 2.41 16.07
CA MET A 101 12.75 3.57 15.86
C MET A 101 13.45 3.45 14.53
N TYR A 102 13.70 4.60 13.91
CA TYR A 102 14.27 4.69 12.54
C TYR A 102 15.29 5.80 12.50
N GLY A 103 16.22 5.67 11.56
CA GLY A 103 17.20 6.73 11.28
C GLY A 103 18.29 6.21 10.40
N LEU A 104 18.90 7.10 9.64
CA LEU A 104 19.97 6.72 8.70
C LEU A 104 20.99 5.87 9.44
N ASN A 105 21.22 4.67 8.89
CA ASN A 105 22.22 3.70 9.42
C ASN A 105 23.48 3.87 8.58
N LYS A 106 24.47 4.50 9.18
CA LYS A 106 25.68 4.96 8.47
C LYS A 106 26.68 3.83 8.26
N GLU A 107 26.59 2.72 9.03
CA GLU A 107 27.40 1.52 8.73
C GLU A 107 26.86 0.91 7.42
N VAL A 108 25.54 0.90 7.23
CA VAL A 108 24.92 0.44 5.96
C VAL A 108 25.30 1.40 4.83
N VAL A 109 25.35 2.71 5.07
CA VAL A 109 25.79 3.69 4.03
C VAL A 109 27.23 3.33 3.62
N ARG A 110 28.08 3.00 4.60
CA ARG A 110 29.49 2.60 4.36
C ARG A 110 29.53 1.36 3.46
N GLN A 111 28.80 0.30 3.83
CA GLN A 111 28.73 -0.96 3.04
C GLN A 111 28.24 -0.63 1.62
N LEU A 112 27.22 0.22 1.50
CA LEU A 112 26.56 0.51 0.19
C LEU A 112 27.48 1.36 -0.69
N SER A 113 28.41 2.10 -0.10
CA SER A 113 29.16 3.18 -0.80
C SER A 113 30.12 2.56 -1.82
N ARG A 114 30.54 1.32 -1.62
CA ARG A 114 31.42 0.59 -2.57
C ARG A 114 30.72 0.47 -3.92
N ARG A 115 29.46 0.08 -3.92
CA ARG A 115 28.64 -0.09 -5.15
C ARG A 115 28.11 1.27 -5.60
N TYR A 116 27.92 2.20 -4.65
CA TYR A 116 27.23 3.50 -4.90
C TYR A 116 28.05 4.65 -4.31
N PRO A 117 29.12 5.11 -5.01
CA PRO A 117 30.08 6.05 -4.41
C PRO A 117 29.55 7.40 -3.91
N GLN A 118 28.55 7.97 -4.59
N GLN A 118 28.57 8.01 -4.59
CA GLN A 118 27.97 9.30 -4.25
CA GLN A 118 28.01 9.32 -4.18
C GLN A 118 26.86 9.15 -3.20
C GLN A 118 26.79 9.15 -3.27
N LEU A 119 26.51 7.94 -2.77
CA LEU A 119 25.36 7.74 -1.86
C LEU A 119 25.63 8.43 -0.52
N PRO A 120 26.85 8.34 0.06
CA PRO A 120 27.13 9.03 1.32
C PRO A 120 26.86 10.55 1.26
N ARG A 121 27.16 11.16 0.12
CA ARG A 121 26.89 12.61 -0.07
C ARG A 121 25.38 12.84 -0.20
N ALA A 122 24.67 11.96 -0.91
CA ALA A 122 23.20 12.05 -1.06
C ALA A 122 22.55 12.07 0.33
N VAL A 123 22.94 11.15 1.21
CA VAL A 123 22.25 11.02 2.53
C VAL A 123 22.78 12.08 3.49
N ALA A 124 23.90 12.74 3.18
CA ALA A 124 24.44 13.84 4.00
C ALA A 124 23.73 15.16 3.64
N THR A 125 23.24 15.30 2.41
CA THR A 125 22.73 16.59 1.90
C THR A 125 21.27 16.47 1.46
N GLY A 126 20.63 15.33 1.74
CA GLY A 126 19.21 15.10 1.40
C GLY A 126 18.94 15.27 -0.08
N ARG A 127 19.78 14.68 -0.92
CA ARG A 127 19.62 14.72 -2.39
C ARG A 127 19.27 13.34 -2.89
N VAL A 128 18.64 13.29 -4.06
CA VAL A 128 18.28 12.03 -4.74
C VAL A 128 19.56 11.39 -5.27
N TYR A 129 19.84 10.16 -4.86
CA TYR A 129 20.83 9.31 -5.53
C TYR A 129 20.15 8.64 -6.73
N ASP A 130 20.55 9.05 -7.94
CA ASP A 130 20.00 8.55 -9.22
C ASP A 130 20.62 7.18 -9.52
N MET A 131 19.86 6.10 -9.40
CA MET A 131 20.41 4.72 -9.49
C MET A 131 20.86 4.42 -10.92
N ASN A 132 20.40 5.20 -11.90
CA ASN A 132 20.82 5.08 -13.32
C ASN A 132 22.19 5.70 -13.51
N THR A 133 22.40 6.93 -13.06
CA THR A 133 23.61 7.72 -13.40
C THR A 133 24.63 7.68 -12.26
N GLY A 134 24.18 7.43 -11.04
CA GLY A 134 25.05 7.50 -9.84
C GLY A 134 25.30 8.94 -9.40
N THR A 135 24.65 9.91 -10.05
CA THR A 135 24.82 11.36 -9.76
C THR A 135 23.67 11.83 -8.88
N LEU A 136 23.81 13.03 -8.33
CA LEU A 136 22.85 13.62 -7.36
C LEU A 136 21.90 14.56 -8.08
N ARG A 137 20.60 14.43 -7.80
CA ARG A 137 19.56 15.33 -8.34
C ARG A 137 18.76 15.92 -7.18
N ASN A 138 18.02 16.98 -7.51
CA ASN A 138 17.01 17.56 -6.60
C ASN A 138 15.82 16.60 -6.61
N TYR A 139 14.99 16.71 -5.59
CA TYR A 139 13.88 15.75 -5.40
C TYR A 139 13.01 15.75 -6.65
N ASP A 140 12.73 14.55 -7.14
CA ASP A 140 11.85 14.31 -8.30
C ASP A 140 11.35 12.89 -8.17
N PRO A 141 10.02 12.65 -8.10
CA PRO A 141 9.51 11.31 -7.84
C PRO A 141 9.64 10.31 -9.01
N ARG A 142 10.19 10.76 -10.14
CA ARG A 142 10.21 9.96 -11.40
C ARG A 142 11.57 9.29 -11.58
N ILE A 143 12.58 9.71 -10.81
CA ILE A 143 14.00 9.30 -11.03
C ILE A 143 14.19 7.83 -10.62
N ASN A 144 13.71 7.46 -9.43
CA ASN A 144 13.87 6.09 -8.89
C ASN A 144 12.49 5.45 -8.71
N LEU A 145 12.11 4.56 -9.62
CA LEU A 145 10.72 4.04 -9.71
C LEU A 145 10.60 2.67 -9.04
N VAL A 146 11.70 1.97 -8.81
CA VAL A 146 11.67 0.65 -8.11
C VAL A 146 12.90 0.53 -7.23
N PRO A 147 12.81 -0.21 -6.10
CA PRO A 147 13.95 -0.41 -5.22
C PRO A 147 14.89 -1.47 -5.83
N VAL A 148 16.13 -1.08 -6.10
CA VAL A 148 17.10 -1.93 -6.85
C VAL A 148 17.54 -3.11 -5.97
N ASN A 149 17.38 -3.02 -4.66
CA ASN A 149 17.77 -4.07 -3.69
C ASN A 149 16.69 -5.15 -3.60
N ARG A 150 15.47 -4.83 -4.01
CA ARG A 150 14.31 -5.75 -3.84
C ARG A 150 14.24 -6.71 -5.02
N ARG A 151 14.17 -8.00 -4.71
CA ARG A 151 13.87 -9.04 -5.71
C ARG A 151 12.35 -9.13 -5.79
N LEU A 152 11.78 -8.65 -6.90
CA LEU A 152 10.31 -8.57 -7.05
C LEU A 152 9.74 -9.97 -7.08
N PRO A 153 8.73 -10.28 -6.24
CA PRO A 153 8.14 -11.61 -6.16
C PRO A 153 7.38 -12.00 -7.44
N HIS A 154 6.98 -11.02 -8.23
CA HIS A 154 6.32 -11.26 -9.54
C HIS A 154 6.61 -10.13 -10.50
N ALA A 155 6.35 -10.39 -11.78
CA ALA A 155 6.58 -9.43 -12.88
C ALA A 155 5.58 -8.28 -12.76
N LEU A 156 6.00 -7.12 -13.23
CA LEU A 156 5.17 -5.89 -13.30
C LEU A 156 4.77 -5.67 -14.75
N VAL A 157 3.68 -4.93 -14.98
CA VAL A 157 3.19 -4.76 -16.37
C VAL A 157 4.19 -3.90 -17.13
N LEU A 158 4.44 -4.28 -18.38
CA LEU A 158 5.32 -3.51 -19.29
C LEU A 158 4.68 -2.13 -19.51
N HIS A 159 3.44 -2.10 -19.98
CA HIS A 159 2.75 -0.83 -20.34
C HIS A 159 1.43 -0.70 -19.56
N HIS A 160 1.06 0.53 -19.23
CA HIS A 160 -0.22 0.85 -18.55
C HIS A 160 -1.00 1.87 -19.37
N ASN A 161 -2.32 1.73 -19.41
CA ASN A 161 -3.21 2.65 -20.16
C ASN A 161 -4.30 3.18 -19.23
N GLU A 162 -4.87 4.33 -19.59
CA GLU A 162 -5.96 4.98 -18.84
C GLU A 162 -7.27 4.42 -19.36
N HIS A 163 -7.89 3.55 -18.58
CA HIS A 163 -9.14 2.85 -18.95
C HIS A 163 -10.26 3.34 -18.06
N PRO A 164 -11.54 3.15 -18.43
CA PRO A 164 -12.63 3.50 -17.54
C PRO A 164 -12.51 2.55 -16.34
N GLN A 165 -13.17 2.89 -15.24
CA GLN A 165 -13.21 2.01 -14.05
C GLN A 165 -13.91 0.72 -14.45
N SER A 166 -13.39 -0.41 -13.95
CA SER A 166 -13.97 -1.76 -14.16
C SER A 166 -15.32 -1.83 -13.47
N ASP A 167 -16.24 -2.61 -14.04
CA ASP A 167 -17.54 -2.96 -13.41
C ASP A 167 -17.47 -4.42 -12.95
N PHE A 168 -17.46 -4.63 -11.65
CA PHE A 168 -17.30 -5.96 -11.03
C PHE A 168 -18.65 -6.48 -10.54
N SER A 169 -19.73 -5.81 -10.95
CA SER A 169 -21.11 -6.20 -10.57
C SER A 169 -21.31 -7.69 -10.86
N SER A 170 -20.93 -8.11 -12.06
CA SER A 170 -21.22 -9.46 -12.58
C SER A 170 -20.40 -10.49 -11.78
N PHE A 171 -19.14 -10.17 -11.49
CA PHE A 171 -18.22 -11.07 -10.76
C PHE A 171 -18.74 -11.31 -9.34
N VAL A 172 -19.17 -10.25 -8.66
CA VAL A 172 -19.61 -10.34 -7.24
C VAL A 172 -20.93 -11.11 -7.17
N SER A 173 -21.78 -10.97 -8.19
CA SER A 173 -23.12 -11.62 -8.23
C SER A 173 -22.97 -13.13 -8.37
N LYS A 174 -21.83 -13.60 -8.89
CA LYS A 174 -21.55 -15.04 -9.12
C LYS A 174 -20.79 -15.62 -7.92
N LEU A 175 -20.41 -14.81 -6.94
CA LEU A 175 -19.84 -15.33 -5.67
C LEU A 175 -20.93 -16.02 -4.86
N LYS A 176 -20.52 -16.98 -4.04
CA LYS A 176 -21.43 -17.70 -3.13
C LYS A 176 -21.54 -16.90 -1.83
N GLY A 177 -22.78 -16.70 -1.38
CA GLY A 177 -23.08 -16.02 -0.12
C GLY A 177 -24.29 -15.13 -0.26
N ARG A 178 -24.93 -14.82 0.85
CA ARG A 178 -26.24 -14.13 0.85
C ARG A 178 -26.04 -12.63 1.12
N THR A 179 -25.19 -12.28 2.09
CA THR A 179 -25.05 -10.88 2.57
C THR A 179 -23.71 -10.29 2.17
N VAL A 180 -23.75 -9.20 1.43
CA VAL A 180 -22.55 -8.50 0.89
C VAL A 180 -22.38 -7.18 1.61
N LEU A 181 -21.13 -6.87 1.95
CA LEU A 181 -20.72 -5.49 2.27
C LEU A 181 -19.80 -5.01 1.14
N VAL A 182 -20.26 -3.98 0.43
CA VAL A 182 -19.43 -3.26 -0.57
C VAL A 182 -18.75 -2.10 0.14
N VAL A 183 -17.44 -1.99 -0.01
CA VAL A 183 -16.64 -0.94 0.63
C VAL A 183 -16.06 -0.06 -0.48
N GLY A 184 -16.32 1.24 -0.41
CA GLY A 184 -15.75 2.21 -1.35
C GLY A 184 -16.78 2.72 -2.33
N GLU A 185 -16.60 2.39 -3.60
CA GLU A 185 -17.50 2.90 -4.66
C GLU A 185 -18.75 2.01 -4.70
N LYS A 186 -19.91 2.64 -4.87
CA LYS A 186 -21.23 1.97 -4.89
C LYS A 186 -21.17 0.84 -5.93
N LEU A 187 -21.72 -0.31 -5.58
CA LEU A 187 -21.85 -1.45 -6.53
C LEU A 187 -23.22 -2.09 -6.36
N SER A 188 -23.90 -2.26 -7.48
CA SER A 188 -25.17 -3.01 -7.59
C SER A 188 -24.82 -4.50 -7.67
N VAL A 189 -25.47 -5.31 -6.84
CA VAL A 189 -25.26 -6.79 -6.88
C VAL A 189 -26.63 -7.45 -6.91
N PRO A 190 -27.11 -7.82 -8.11
CA PRO A 190 -28.36 -8.56 -8.26
C PRO A 190 -28.37 -9.85 -7.46
N GLY A 191 -29.43 -10.08 -6.69
CA GLY A 191 -29.69 -11.38 -6.04
C GLY A 191 -29.13 -11.47 -4.64
N LYS A 192 -28.42 -10.44 -4.18
CA LYS A 192 -27.81 -10.47 -2.82
C LYS A 192 -28.27 -9.25 -2.02
N MET A 193 -28.28 -9.42 -0.69
CA MET A 193 -28.43 -8.32 0.28
C MET A 193 -27.15 -7.49 0.26
N VAL A 194 -27.27 -6.19 0.03
CA VAL A 194 -26.10 -5.29 -0.11
C VAL A 194 -26.20 -4.18 0.93
N ASP A 195 -25.18 -4.10 1.77
CA ASP A 195 -24.86 -2.91 2.60
C ASP A 195 -23.65 -2.23 1.96
N TRP A 196 -23.56 -0.91 2.14
CA TRP A 196 -22.55 -0.06 1.48
C TRP A 196 -21.79 0.76 2.51
N LEU A 197 -20.46 0.66 2.49
CA LEU A 197 -19.55 1.46 3.34
C LEU A 197 -18.79 2.44 2.44
N SER A 198 -19.00 3.73 2.67
CA SER A 198 -18.38 4.84 1.90
C SER A 198 -18.47 6.13 2.72
N ASP A 199 -17.72 7.18 2.36
CA ASP A 199 -17.90 8.50 3.02
C ASP A 199 -18.99 9.30 2.31
N ARG A 200 -19.60 8.75 1.26
CA ARG A 200 -20.80 9.38 0.65
C ARG A 200 -21.95 9.30 1.66
N PRO A 201 -22.81 10.34 1.78
CA PRO A 201 -23.88 10.36 2.79
C PRO A 201 -25.10 9.46 2.49
N GLU A 202 -25.19 8.92 1.27
CA GLU A 202 -26.26 7.97 0.88
C GLU A 202 -25.80 6.53 1.15
N ALA A 203 -24.68 6.35 1.86
CA ALA A 203 -24.13 5.04 2.23
C ALA A 203 -24.92 4.48 3.41
N THR A 204 -25.01 3.16 3.51
CA THR A 204 -25.57 2.43 4.67
C THR A 204 -24.74 2.79 5.91
N PHE A 205 -23.42 2.74 5.76
CA PHE A 205 -22.46 3.17 6.80
C PHE A 205 -21.61 4.29 6.22
N ARG A 206 -21.72 5.48 6.81
CA ARG A 206 -20.91 6.65 6.37
C ARG A 206 -19.73 6.81 7.33
N ALA A 207 -18.52 6.80 6.78
CA ALA A 207 -17.28 6.93 7.55
C ALA A 207 -16.14 7.27 6.60
N ARG A 208 -15.09 7.87 7.14
CA ARG A 208 -13.82 8.05 6.43
C ARG A 208 -13.19 6.69 6.20
N LEU A 209 -12.90 6.35 4.95
CA LEU A 209 -12.28 5.04 4.62
C LEU A 209 -10.80 5.06 5.01
N ASP A 210 -10.20 6.23 5.19
CA ASP A 210 -8.76 6.33 5.52
C ASP A 210 -8.55 5.92 7.00
N LEU A 211 -9.60 5.87 7.81
CA LEU A 211 -9.49 5.37 9.22
C LEU A 211 -9.89 3.89 9.30
N GLY A 212 -10.34 3.31 8.17
CA GLY A 212 -10.56 1.87 8.05
C GLY A 212 -12.01 1.49 8.25
N ILE A 213 -12.29 0.20 8.31
CA ILE A 213 -13.68 -0.29 8.53
C ILE A 213 -14.05 0.04 9.96
N PRO A 214 -15.13 0.82 10.19
CA PRO A 214 -15.63 1.07 11.53
C PRO A 214 -15.85 -0.25 12.28
N GLY A 215 -15.44 -0.28 13.55
CA GLY A 215 -15.56 -1.47 14.42
C GLY A 215 -16.99 -1.92 14.57
N ASP A 216 -17.94 -0.99 14.43
CA ASP A 216 -19.38 -1.22 14.70
C ASP A 216 -20.08 -1.78 13.46
N VAL A 217 -19.37 -1.91 12.33
CA VAL A 217 -19.93 -2.53 11.11
C VAL A 217 -20.11 -4.02 11.41
N PRO A 218 -21.25 -4.63 11.01
CA PRO A 218 -21.55 -6.01 11.37
C PRO A 218 -20.76 -7.03 10.55
N LYS A 219 -21.23 -8.28 10.54
CA LYS A 219 -20.53 -9.41 9.87
C LYS A 219 -21.30 -9.82 8.61
N TYR A 220 -20.57 -10.32 7.63
CA TYR A 220 -21.14 -10.60 6.29
C TYR A 220 -20.57 -11.90 5.73
N ASP A 221 -21.29 -12.44 4.76
CA ASP A 221 -20.86 -13.62 3.97
C ASP A 221 -19.77 -13.19 2.99
N ILE A 222 -19.95 -12.03 2.38
CA ILE A 222 -19.05 -11.49 1.32
C ILE A 222 -18.70 -10.05 1.68
N ILE A 223 -17.42 -9.69 1.61
CA ILE A 223 -17.00 -8.26 1.63
C ILE A 223 -16.22 -8.00 0.34
N PHE A 224 -16.66 -7.03 -0.46
CA PHE A 224 -15.96 -6.58 -1.68
C PHE A 224 -15.36 -5.19 -1.46
N VAL A 225 -14.02 -5.08 -1.50
CA VAL A 225 -13.34 -3.77 -1.40
C VAL A 225 -13.23 -3.17 -2.81
N ASN A 226 -14.16 -2.27 -3.10
CA ASN A 226 -14.32 -1.63 -4.43
C ASN A 226 -13.60 -0.28 -4.38
N VAL A 227 -12.32 -0.32 -4.04
CA VAL A 227 -11.47 0.88 -3.84
C VAL A 227 -10.29 0.77 -4.81
N ARG A 228 -10.09 1.83 -5.59
CA ARG A 228 -9.02 1.89 -6.60
CA ARG A 228 -9.02 1.90 -6.60
C ARG A 228 -7.95 2.87 -6.13
N THR A 229 -6.80 2.81 -6.76
CA THR A 229 -5.67 3.72 -6.50
C THR A 229 -5.14 4.18 -7.84
N PRO A 230 -4.82 5.49 -7.99
CA PRO A 230 -4.41 6.04 -9.28
C PRO A 230 -2.98 5.64 -9.64
N TYR A 231 -2.79 5.30 -10.92
CA TYR A 231 -1.47 5.13 -11.57
C TYR A 231 -0.88 6.52 -11.86
N LYS A 232 0.38 6.75 -11.51
CA LYS A 232 1.05 8.05 -11.77
C LYS A 232 2.35 7.81 -12.54
N TYR A 233 3.28 7.04 -11.99
CA TYR A 233 4.64 6.92 -12.57
C TYR A 233 4.95 5.47 -12.98
N HIS A 234 4.45 4.48 -12.24
CA HIS A 234 4.88 3.07 -12.37
C HIS A 234 3.90 2.14 -11.65
N HIS A 235 3.89 0.88 -12.07
CA HIS A 235 3.15 -0.21 -11.37
C HIS A 235 3.60 -0.27 -9.90
N TYR A 236 4.90 -0.08 -9.64
CA TYR A 236 5.44 -0.16 -8.27
C TYR A 236 4.80 0.94 -7.41
N GLN A 237 4.73 2.16 -7.95
CA GLN A 237 4.12 3.32 -7.23
C GLN A 237 2.65 3.02 -6.95
N GLN A 238 1.90 2.59 -7.97
CA GLN A 238 0.45 2.35 -7.79
C GLN A 238 0.26 1.34 -6.65
N CYS A 239 1.05 0.29 -6.69
CA CYS A 239 0.99 -0.80 -5.69
C CYS A 239 1.25 -0.23 -4.29
N GLU A 240 2.34 0.52 -4.08
CA GLU A 240 2.71 0.95 -2.70
C GLU A 240 1.69 1.97 -2.20
N ASP A 241 1.09 2.75 -3.10
CA ASP A 241 0.04 3.74 -2.76
C ASP A 241 -1.26 3.03 -2.35
N HIS A 242 -1.48 1.82 -2.86
CA HIS A 242 -2.71 1.03 -2.54
C HIS A 242 -2.51 0.25 -1.22
N ALA A 243 -1.26 0.14 -0.76
CA ALA A 243 -0.88 -0.72 0.38
C ALA A 243 -1.67 -0.34 1.65
N ILE A 244 -1.86 0.94 1.92
CA ILE A 244 -2.54 1.38 3.17
C ILE A 244 -4.04 1.02 3.09
N LYS A 245 -4.60 0.99 1.88
CA LYS A 245 -6.02 0.58 1.70
C LYS A 245 -6.18 -0.92 1.96
N LEU A 246 -5.24 -1.75 1.51
CA LEU A 246 -5.22 -3.20 1.85
C LEU A 246 -5.21 -3.36 3.38
N SER A 247 -4.44 -2.51 4.06
CA SER A 247 -4.22 -2.59 5.53
C SER A 247 -5.47 -2.11 6.27
N MET A 248 -6.06 -1.00 5.84
CA MET A 248 -7.14 -0.32 6.58
C MET A 248 -8.50 -0.95 6.23
N LEU A 249 -8.65 -1.48 5.01
CA LEU A 249 -9.96 -2.03 4.56
C LEU A 249 -9.88 -3.55 4.42
N THR A 250 -9.04 -4.06 3.53
CA THR A 250 -9.02 -5.50 3.18
C THR A 250 -8.65 -6.33 4.41
N LYS A 251 -7.64 -5.92 5.16
CA LYS A 251 -7.18 -6.69 6.35
C LYS A 251 -8.27 -6.62 7.44
N LYS A 252 -8.86 -5.44 7.65
CA LYS A 252 -9.87 -5.23 8.72
C LYS A 252 -11.16 -5.98 8.38
N ALA A 253 -11.39 -6.26 7.09
CA ALA A 253 -12.58 -7.00 6.61
C ALA A 253 -12.65 -8.39 7.27
N CYS A 254 -11.50 -8.94 7.68
CA CYS A 254 -11.44 -10.27 8.34
C CYS A 254 -12.18 -10.27 9.67
N LEU A 255 -12.32 -9.10 10.29
CA LEU A 255 -13.07 -8.97 11.56
C LEU A 255 -14.58 -8.87 11.27
N HIS A 256 -14.97 -8.73 10.00
CA HIS A 256 -16.38 -8.44 9.63
C HIS A 256 -16.93 -9.57 8.77
N LEU A 257 -16.43 -10.78 8.96
CA LEU A 257 -16.83 -11.94 8.12
C LEU A 257 -17.46 -13.01 9.01
N ASN A 258 -18.57 -13.56 8.52
CA ASN A 258 -19.16 -14.82 9.07
C ASN A 258 -18.15 -15.94 8.87
N PRO A 259 -18.14 -16.98 9.74
CA PRO A 259 -17.26 -18.12 9.56
C PRO A 259 -17.44 -18.67 8.14
N GLY A 260 -16.34 -18.90 7.42
CA GLY A 260 -16.38 -19.46 6.05
C GLY A 260 -16.68 -18.38 5.02
N GLY A 261 -16.64 -17.11 5.44
CA GLY A 261 -17.02 -15.97 4.59
C GLY A 261 -15.95 -15.64 3.56
N THR A 262 -16.30 -14.76 2.62
CA THR A 262 -15.43 -14.40 1.48
C THR A 262 -15.07 -12.92 1.54
N CYS A 263 -13.80 -12.61 1.30
CA CYS A 263 -13.33 -11.23 1.07
C CYS A 263 -12.67 -11.12 -0.31
N VAL A 264 -13.17 -10.20 -1.12
CA VAL A 264 -12.56 -9.89 -2.44
C VAL A 264 -12.13 -8.43 -2.42
N SER A 265 -10.97 -8.14 -2.98
CA SER A 265 -10.39 -6.78 -2.96
C SER A 265 -9.72 -6.47 -4.29
N ILE A 266 -10.03 -5.30 -4.83
CA ILE A 266 -9.20 -4.69 -5.90
C ILE A 266 -7.77 -4.57 -5.35
N GLY A 267 -6.81 -4.79 -6.23
CA GLY A 267 -5.39 -4.64 -5.91
C GLY A 267 -4.55 -4.58 -7.17
N TYR A 268 -3.24 -4.52 -6.97
CA TYR A 268 -2.27 -4.29 -8.06
C TYR A 268 -1.06 -5.21 -7.84
N GLY A 269 -1.30 -6.39 -7.27
CA GLY A 269 -0.22 -7.31 -6.88
C GLY A 269 0.41 -6.89 -5.56
N TYR A 270 1.70 -7.18 -5.39
CA TYR A 270 2.45 -6.76 -4.18
C TYR A 270 3.91 -6.52 -4.55
N ALA A 271 4.12 -5.54 -5.42
CA ALA A 271 5.44 -5.07 -5.87
C ALA A 271 6.24 -4.54 -4.67
N ASP A 272 5.58 -3.96 -3.67
CA ASP A 272 6.22 -3.37 -2.48
C ASP A 272 6.14 -4.34 -1.29
N ARG A 273 7.09 -4.22 -0.39
CA ARG A 273 7.24 -5.12 0.78
C ARG A 273 5.98 -5.09 1.65
N ALA A 274 5.34 -3.94 1.83
CA ALA A 274 4.20 -3.81 2.78
C ALA A 274 3.00 -4.60 2.24
N SER A 275 2.64 -4.36 0.99
CA SER A 275 1.60 -5.11 0.25
C SER A 275 1.83 -6.62 0.38
N GLU A 276 3.06 -7.08 0.18
CA GLU A 276 3.40 -8.53 0.24
C GLU A 276 3.15 -9.07 1.66
N SER A 277 3.49 -8.29 2.68
CA SER A 277 3.32 -8.69 4.09
C SER A 277 1.82 -8.69 4.44
N ILE A 278 1.11 -7.62 4.07
CA ILE A 278 -0.34 -7.48 4.34
C ILE A 278 -1.09 -8.62 3.66
N ILE A 279 -0.79 -8.90 2.39
CA ILE A 279 -1.52 -9.94 1.62
C ILE A 279 -1.27 -11.30 2.25
N GLY A 280 -0.01 -11.56 2.63
CA GLY A 280 0.38 -12.81 3.30
C GLY A 280 -0.32 -12.97 4.64
N ALA A 281 -0.51 -11.88 5.40
CA ALA A 281 -1.19 -11.93 6.73
C ALA A 281 -2.67 -12.24 6.54
N ILE A 282 -3.28 -11.69 5.49
CA ILE A 282 -4.72 -11.92 5.19
C ILE A 282 -4.92 -13.37 4.78
N ALA A 283 -4.07 -13.89 3.88
CA ALA A 283 -4.20 -15.20 3.21
C ALA A 283 -4.28 -16.35 4.24
N ARG A 284 -3.55 -16.23 5.35
CA ARG A 284 -3.48 -17.29 6.40
CA ARG A 284 -3.48 -17.27 6.42
C ARG A 284 -4.85 -17.46 7.08
N GLN A 285 -5.75 -16.48 6.92
CA GLN A 285 -7.07 -16.53 7.62
C GLN A 285 -8.09 -17.24 6.72
N PHE A 286 -7.71 -17.67 5.53
CA PHE A 286 -8.66 -18.29 4.57
C PHE A 286 -8.14 -19.64 4.11
N LYS A 287 -9.08 -20.54 3.78
CA LYS A 287 -8.82 -21.89 3.24
C LYS A 287 -8.24 -21.74 1.83
N PHE A 288 -8.83 -20.85 1.03
CA PHE A 288 -8.47 -20.63 -0.38
C PHE A 288 -8.13 -19.15 -0.59
N SER A 289 -7.06 -18.92 -1.33
CA SER A 289 -6.58 -17.57 -1.72
C SER A 289 -6.17 -17.63 -3.18
N ARG A 290 -6.73 -16.75 -4.02
CA ARG A 290 -6.33 -16.70 -5.45
C ARG A 290 -6.34 -15.26 -5.95
N VAL A 291 -5.72 -15.07 -7.09
CA VAL A 291 -5.75 -13.78 -7.83
C VAL A 291 -6.48 -14.04 -9.15
N CYS A 292 -7.53 -13.26 -9.39
CA CYS A 292 -8.35 -13.31 -10.62
C CYS A 292 -8.24 -11.98 -11.35
N LYS A 293 -8.28 -12.04 -12.68
CA LYS A 293 -8.45 -10.84 -13.54
C LYS A 293 -9.54 -11.13 -14.55
N PRO A 294 -10.81 -10.84 -14.21
CA PRO A 294 -11.91 -11.07 -15.15
C PRO A 294 -11.84 -10.10 -16.34
N LYS A 295 -12.63 -10.40 -17.38
CA LYS A 295 -12.71 -9.63 -18.64
C LYS A 295 -13.10 -8.18 -18.34
N SER A 296 -13.94 -7.97 -17.32
CA SER A 296 -14.39 -6.64 -16.85
C SER A 296 -13.19 -5.76 -16.43
N SER A 297 -12.09 -6.37 -16.00
CA SER A 297 -10.93 -5.62 -15.45
C SER A 297 -10.03 -5.10 -16.58
N LEU A 298 -10.20 -3.83 -16.93
CA LEU A 298 -9.53 -3.23 -18.12
C LEU A 298 -8.13 -2.77 -17.75
N GLU A 299 -8.01 -1.91 -16.74
CA GLU A 299 -6.70 -1.37 -16.32
C GLU A 299 -5.72 -2.54 -16.15
N GLU A 300 -4.56 -2.45 -16.79
CA GLU A 300 -3.65 -3.61 -16.98
C GLU A 300 -3.07 -4.05 -15.62
N THR A 301 -2.83 -3.10 -14.71
CA THR A 301 -2.18 -3.39 -13.40
C THR A 301 -3.19 -3.97 -12.41
N GLU A 302 -4.48 -3.80 -12.69
CA GLU A 302 -5.59 -4.18 -11.77
C GLU A 302 -5.76 -5.70 -11.75
N VAL A 303 -5.91 -6.24 -10.54
CA VAL A 303 -6.34 -7.64 -10.30
C VAL A 303 -7.40 -7.63 -9.18
N LEU A 304 -8.04 -8.76 -8.98
CA LEU A 304 -8.86 -9.02 -7.78
C LEU A 304 -8.16 -10.07 -6.92
N PHE A 305 -7.92 -9.73 -5.66
CA PHE A 305 -7.52 -10.70 -4.63
C PHE A 305 -8.79 -11.36 -4.08
N VAL A 306 -8.82 -12.68 -4.09
CA VAL A 306 -10.02 -13.47 -3.72
C VAL A 306 -9.68 -14.36 -2.53
N PHE A 307 -10.32 -14.11 -1.39
CA PHE A 307 -10.12 -14.89 -0.15
C PHE A 307 -11.44 -15.56 0.23
N ILE A 308 -11.42 -16.89 0.26
CA ILE A 308 -12.65 -17.71 0.41
C ILE A 308 -12.45 -18.68 1.58
N GLY A 309 -13.44 -18.73 2.46
CA GLY A 309 -13.47 -19.68 3.59
C GLY A 309 -12.67 -19.15 4.76
N TYR A 310 -13.06 -17.97 5.25
CA TYR A 310 -12.45 -17.37 6.47
C TYR A 310 -12.75 -18.33 7.64
N ASP A 311 -11.72 -18.72 8.38
CA ASP A 311 -11.91 -19.64 9.53
C ASP A 311 -10.90 -19.35 10.64
N ARG A 312 -10.08 -18.31 10.51
CA ARG A 312 -9.21 -17.84 11.62
C ARG A 312 -8.54 -19.06 12.25
N LYS A 313 -8.19 -20.03 11.40
CA LYS A 313 -7.44 -21.23 11.80
C LYS A 313 -5.97 -20.84 11.75
N ALA A 314 -5.10 -21.73 12.21
CA ALA A 314 -3.64 -21.61 12.00
C ALA A 314 -3.33 -22.29 10.67
N ARG A 315 -2.83 -21.56 9.68
CA ARG A 315 -2.40 -22.18 8.42
C ARG A 315 -1.22 -21.43 7.81
N THR A 316 -0.42 -22.18 7.08
CA THR A 316 0.80 -21.71 6.38
C THR A 316 0.38 -21.23 4.99
N HIS A 317 0.98 -20.14 4.53
CA HIS A 317 0.68 -19.55 3.21
C HIS A 317 1.93 -19.68 2.35
N ASN A 318 1.78 -20.28 1.17
CA ASN A 318 2.87 -20.34 0.18
C ASN A 318 2.70 -19.16 -0.77
N PRO A 319 3.47 -18.06 -0.61
CA PRO A 319 3.36 -16.88 -1.47
C PRO A 319 3.62 -17.17 -2.96
N TYR A 320 4.32 -18.25 -3.28
CA TYR A 320 4.66 -18.62 -4.68
C TYR A 320 3.38 -18.86 -5.48
N LYS A 321 2.29 -19.28 -4.81
CA LYS A 321 1.01 -19.57 -5.48
C LYS A 321 0.47 -18.28 -6.11
N LEU A 322 0.28 -17.24 -5.29
CA LEU A 322 -0.28 -15.96 -5.80
C LEU A 322 0.75 -15.30 -6.72
N SER A 323 2.02 -15.30 -6.34
CA SER A 323 3.10 -14.70 -7.18
C SER A 323 3.08 -15.30 -8.59
N SER A 324 2.98 -16.63 -8.70
CA SER A 324 2.91 -17.34 -10.01
C SER A 324 1.75 -16.77 -10.82
N THR A 325 0.57 -16.70 -10.22
CA THR A 325 -0.67 -16.23 -10.89
C THR A 325 -0.46 -14.80 -11.37
N LEU A 326 0.12 -13.95 -10.52
CA LEU A 326 0.31 -12.50 -10.82
C LEU A 326 1.27 -12.34 -12.01
N THR A 327 2.36 -13.11 -12.00
CA THR A 327 3.33 -13.13 -13.12
C THR A 327 2.61 -13.52 -14.42
N ASN A 328 1.78 -14.56 -14.38
CA ASN A 328 1.03 -15.02 -15.57
C ASN A 328 0.16 -13.89 -16.10
N ILE A 329 -0.60 -13.26 -15.21
CA ILE A 329 -1.60 -12.22 -15.58
C ILE A 329 -0.89 -11.04 -16.22
N TYR A 330 0.22 -10.61 -15.63
CA TYR A 330 0.89 -9.34 -16.00
C TYR A 330 1.81 -9.55 -17.20
N THR A 331 2.24 -10.78 -17.46
CA THR A 331 3.12 -11.11 -18.62
C THR A 331 2.29 -11.73 -19.75
N GLY A 332 0.99 -11.93 -19.54
CA GLY A 332 0.10 -12.54 -20.56
C GLY A 332 0.50 -13.97 -20.87
N SER A 333 1.01 -14.70 -19.88
CA SER A 333 1.38 -16.14 -20.00
C SER A 333 0.21 -16.99 -19.47
#